data_4DOX
#
_entry.id   4DOX
#
_cell.length_a   72.943
_cell.length_b   72.943
_cell.length_c   133.325
_cell.angle_alpha   90.00
_cell.angle_beta   90.00
_cell.angle_gamma   120.00
#
_symmetry.space_group_name_H-M   'P 65'
#
loop_
_entity.id
_entity.type
_entity.pdbx_description
1 polymer 'Coat protein'
2 water water
#
_entity_poly.entity_id   1
_entity_poly.type   'polypeptide(L)'
_entity_poly.pdbx_seq_one_letter_code
;MSKSSMSTPNIAFPAITQEQMSSIKVDPTSNLLPSQEQLKSVSTLMVAAKVPAASVTTVALELVNFCYDNGSSAYTTVTG
PSSIPEISLAQLASIVKASGTSLRKFCRYFAPIIWNLRTDKMAPANWEASGYKPSAKFAAFDFFDGVENPAAMQPPSGLT
RSPTQEERIANATNKQVHLFQAAAQDNNFASNSAFITKGQISGSTPTIQFLPPPETSTTRHHHHHH
;
_entity_poly.pdbx_strand_id   A,B
#
# COMPACT_ATOMS: atom_id res chain seq x y z
N ILE A 11 -46.66 -4.18 -22.79
CA ILE A 11 -45.52 -4.18 -21.80
C ILE A 11 -44.20 -3.94 -22.53
N ALA A 12 -43.51 -2.86 -22.18
CA ALA A 12 -42.30 -2.50 -22.86
C ALA A 12 -41.17 -3.44 -22.46
N PHE A 13 -40.90 -3.51 -21.17
CA PHE A 13 -39.88 -4.38 -20.61
C PHE A 13 -40.56 -5.47 -19.80
N PRO A 14 -40.27 -6.75 -20.10
CA PRO A 14 -40.84 -7.79 -19.23
C PRO A 14 -40.22 -7.73 -17.81
N ALA A 15 -41.03 -7.98 -16.77
CA ALA A 15 -40.52 -8.00 -15.39
C ALA A 15 -39.32 -8.94 -15.22
N ILE A 16 -38.37 -8.60 -14.34
CA ILE A 16 -37.22 -9.49 -14.10
C ILE A 16 -37.62 -10.63 -13.17
N THR A 17 -37.21 -11.85 -13.53
CA THR A 17 -37.38 -13.04 -12.66
C THR A 17 -36.31 -13.03 -11.56
N GLN A 18 -36.52 -13.80 -10.51
CA GLN A 18 -35.65 -13.75 -9.35
C GLN A 18 -34.34 -14.39 -9.69
N GLU A 19 -34.44 -15.38 -10.59
CA GLU A 19 -33.28 -16.07 -11.12
C GLU A 19 -32.40 -15.12 -11.90
N GLN A 20 -33.01 -14.34 -12.81
CA GLN A 20 -32.30 -13.35 -13.60
C GLN A 20 -31.54 -12.40 -12.73
N MET A 21 -32.11 -12.05 -11.59
CA MET A 21 -31.42 -11.17 -10.69
C MET A 21 -30.24 -11.76 -9.89
N SER A 22 -30.34 -13.02 -9.48
CA SER A 22 -29.18 -13.73 -8.95
C SER A 22 -28.14 -13.81 -10.07
N SER A 23 -28.62 -14.23 -11.24
CA SER A 23 -27.76 -14.53 -12.38
C SER A 23 -27.09 -13.32 -13.08
N ILE A 24 -27.63 -12.12 -12.94
CA ILE A 24 -27.14 -10.94 -13.70
C ILE A 24 -25.71 -10.46 -13.29
N LYS A 25 -24.97 -9.89 -14.24
CA LYS A 25 -23.56 -9.60 -13.97
C LYS A 25 -23.29 -8.12 -13.84
N VAL A 26 -22.99 -7.67 -12.63
CA VAL A 26 -22.89 -6.22 -12.39
C VAL A 26 -21.63 -5.90 -11.67
N ASP A 27 -20.51 -5.78 -12.38
CA ASP A 27 -19.28 -5.42 -11.71
C ASP A 27 -19.12 -3.93 -11.89
N PRO A 28 -18.41 -3.26 -10.97
CA PRO A 28 -18.18 -1.83 -11.14
C PRO A 28 -17.62 -1.55 -12.53
N THR A 29 -17.93 -0.37 -13.05
CA THR A 29 -17.58 0.04 -14.42
C THR A 29 -16.83 1.40 -14.33
N SER A 30 -16.12 1.78 -15.39
CA SER A 30 -15.44 3.08 -15.42
C SER A 30 -15.31 3.61 -16.82
N ASN A 31 -15.63 4.87 -17.02
CA ASN A 31 -15.34 5.50 -18.32
C ASN A 31 -13.99 6.21 -18.33
N LEU A 32 -13.22 6.06 -17.25
CA LEU A 32 -11.98 6.76 -17.10
C LEU A 32 -10.81 5.76 -17.00
N LEU A 33 -11.08 4.49 -16.72
CA LEU A 33 -10.03 3.49 -16.61
C LEU A 33 -10.21 2.35 -17.65
N PRO A 34 -9.13 1.68 -18.03
CA PRO A 34 -9.36 0.61 -18.99
C PRO A 34 -10.17 -0.46 -18.29
N SER A 35 -10.94 -1.23 -19.03
CA SER A 35 -11.65 -2.35 -18.43
C SER A 35 -10.63 -3.41 -17.91
N GLN A 36 -11.12 -4.34 -17.12
CA GLN A 36 -10.32 -5.47 -16.67
C GLN A 36 -9.78 -6.27 -17.85
N GLU A 37 -10.61 -6.47 -18.86
CA GLU A 37 -10.28 -7.28 -20.04
C GLU A 37 -9.18 -6.62 -20.85
N GLN A 38 -9.34 -5.31 -21.02
CA GLN A 38 -8.36 -4.48 -21.71
C GLN A 38 -7.01 -4.53 -20.98
N LEU A 39 -7.01 -4.39 -19.66
CA LEU A 39 -5.76 -4.53 -18.92
C LEU A 39 -5.09 -5.89 -19.22
N LYS A 40 -5.85 -6.97 -19.14
CA LYS A 40 -5.33 -8.32 -19.39
C LYS A 40 -4.71 -8.43 -20.78
N SER A 41 -5.34 -7.80 -21.77
CA SER A 41 -4.82 -7.89 -23.12
C SER A 41 -3.42 -7.25 -23.18
N VAL A 42 -3.28 -6.06 -22.56
CA VAL A 42 -2.03 -5.33 -22.55
C VAL A 42 -0.90 -6.18 -21.96
N SER A 43 -1.10 -6.76 -20.79
CA SER A 43 -0.03 -7.61 -20.21
C SER A 43 0.18 -8.92 -20.95
N THR A 44 -0.86 -9.46 -21.57
CA THR A 44 -0.70 -10.71 -22.33
C THR A 44 0.20 -10.42 -23.52
N LEU A 45 -0.12 -9.34 -24.22
CA LEU A 45 0.67 -8.94 -25.37
C LEU A 45 2.09 -8.53 -24.98
N MET A 46 2.24 -7.96 -23.78
CA MET A 46 3.53 -7.55 -23.30
C MET A 46 4.41 -8.76 -23.06
N VAL A 47 3.83 -9.77 -22.43
CA VAL A 47 4.55 -11.00 -22.20
C VAL A 47 4.91 -11.62 -23.55
N ALA A 48 4.01 -11.62 -24.51
CA ALA A 48 4.29 -12.19 -25.81
C ALA A 48 5.40 -11.44 -26.53
N ALA A 49 5.48 -10.15 -26.29
CA ALA A 49 6.50 -9.28 -26.84
C ALA A 49 7.81 -9.48 -26.14
N LYS A 50 7.91 -10.50 -25.21
CA LYS A 50 9.10 -10.76 -24.41
C LYS A 50 9.43 -9.94 -23.16
N VAL A 51 8.46 -9.28 -22.64
CA VAL A 51 8.61 -8.67 -21.33
C VAL A 51 8.38 -9.83 -20.37
N PRO A 52 9.29 -10.04 -19.38
CA PRO A 52 9.11 -11.09 -18.34
C PRO A 52 7.81 -10.88 -17.59
N ALA A 53 7.05 -11.94 -17.35
CA ALA A 53 5.80 -11.82 -16.60
C ALA A 53 5.94 -11.09 -15.23
N ALA A 54 6.97 -11.43 -14.47
CA ALA A 54 7.30 -10.68 -13.25
C ALA A 54 7.42 -9.12 -13.47
N SER A 55 7.91 -8.69 -14.63
CA SER A 55 8.26 -7.30 -14.85
C SER A 55 7.19 -6.44 -15.50
N VAL A 56 6.06 -7.02 -15.88
CA VAL A 56 5.11 -6.23 -16.65
C VAL A 56 4.65 -4.93 -15.96
N THR A 57 4.47 -4.93 -14.64
CA THR A 57 4.04 -3.69 -13.94
C THR A 57 5.13 -2.62 -13.93
N THR A 58 6.32 -3.00 -13.44
CA THR A 58 7.43 -2.07 -13.43
C THR A 58 7.74 -1.54 -14.85
N VAL A 59 7.53 -2.37 -15.86
CA VAL A 59 7.93 -2.00 -17.20
C VAL A 59 6.84 -1.05 -17.74
N ALA A 60 5.57 -1.37 -17.49
CA ALA A 60 4.50 -0.44 -17.81
C ALA A 60 4.82 0.91 -17.21
N LEU A 61 5.28 0.92 -15.96
CA LEU A 61 5.56 2.23 -15.29
C LEU A 61 6.56 3.11 -16.01
N GLU A 62 7.39 2.48 -16.85
CA GLU A 62 8.35 3.23 -17.63
C GLU A 62 7.66 4.09 -18.67
N LEU A 63 6.57 3.56 -19.25
CA LEU A 63 5.77 4.30 -20.19
C LEU A 63 5.00 5.38 -19.44
N VAL A 64 4.46 5.00 -18.28
CA VAL A 64 3.77 5.96 -17.41
C VAL A 64 4.63 7.16 -17.05
N ASN A 65 5.87 6.89 -16.66
CA ASN A 65 6.80 7.96 -16.37
C ASN A 65 6.94 8.86 -17.57
N PHE A 66 7.06 8.28 -18.77
CA PHE A 66 7.34 9.09 -19.95
C PHE A 66 6.17 10.04 -20.13
N CYS A 67 4.94 9.53 -19.90
CA CYS A 67 3.71 10.32 -20.06
C CYS A 67 3.52 11.37 -18.99
N TYR A 68 4.04 11.07 -17.78
CA TYR A 68 4.11 12.05 -16.70
C TYR A 68 4.80 13.35 -17.13
N ASP A 69 5.86 13.24 -17.98
CA ASP A 69 6.57 14.45 -18.49
C ASP A 69 5.93 14.96 -19.80
N ASN A 70 5.62 14.04 -20.69
CA ASN A 70 5.33 14.39 -22.09
C ASN A 70 3.86 14.43 -22.52
N GLY A 71 2.92 13.98 -21.69
CA GLY A 71 1.54 13.86 -22.11
C GLY A 71 1.17 12.42 -22.46
N SER A 72 -0.11 12.11 -22.42
CA SER A 72 -0.62 10.74 -22.61
C SER A 72 -1.72 10.78 -23.68
N SER A 73 -1.72 11.85 -24.45
CA SER A 73 -2.68 12.08 -25.50
C SER A 73 -2.51 11.10 -26.64
N ALA A 74 -3.58 10.85 -27.39
CA ALA A 74 -3.55 9.87 -28.49
C ALA A 74 -2.59 10.23 -29.60
N TYR A 75 -2.19 11.50 -29.66
CA TYR A 75 -1.16 11.85 -30.60
C TYR A 75 0.20 12.31 -30.02
N THR A 76 0.42 12.16 -28.72
CA THR A 76 1.75 12.29 -28.11
C THR A 76 2.74 11.37 -28.84
N THR A 77 3.92 11.91 -29.16
CA THR A 77 5.02 11.11 -29.72
C THR A 77 5.85 10.47 -28.63
N VAL A 78 5.69 9.17 -28.51
CA VAL A 78 6.45 8.38 -27.55
C VAL A 78 7.84 8.02 -28.11
N THR A 79 8.89 8.43 -27.38
CA THR A 79 10.28 8.15 -27.84
C THR A 79 11.15 7.42 -26.79
N GLY A 80 12.31 6.96 -27.21
CA GLY A 80 13.24 6.36 -26.29
C GLY A 80 13.02 4.88 -25.96
N PRO A 81 14.08 4.24 -25.42
CA PRO A 81 14.10 2.80 -25.12
C PRO A 81 13.38 2.47 -23.81
N SER A 82 13.03 1.21 -23.60
CA SER A 82 12.59 0.76 -22.30
C SER A 82 13.73 -0.05 -21.70
N SER A 83 13.56 -0.57 -20.49
CA SER A 83 14.55 -1.43 -19.87
C SER A 83 14.69 -2.81 -20.53
N ILE A 84 13.82 -3.15 -21.49
CA ILE A 84 13.91 -4.45 -22.22
C ILE A 84 14.49 -4.20 -23.62
N PRO A 85 15.55 -4.94 -24.00
CA PRO A 85 16.17 -4.56 -25.28
C PRO A 85 15.26 -4.97 -26.41
N GLU A 86 15.24 -4.15 -27.44
CA GLU A 86 14.35 -4.40 -28.58
C GLU A 86 12.85 -4.30 -28.27
N ILE A 87 12.51 -3.65 -27.14
CA ILE A 87 11.16 -3.08 -26.95
C ILE A 87 11.31 -1.62 -26.55
N SER A 88 10.90 -0.70 -27.42
CA SER A 88 10.97 0.76 -27.16
C SER A 88 9.71 1.19 -26.42
N LEU A 89 9.69 2.39 -25.85
CA LEU A 89 8.46 2.90 -25.22
C LEU A 89 7.36 3.01 -26.28
N ALA A 90 7.71 3.46 -27.48
CA ALA A 90 6.70 3.56 -28.53
C ALA A 90 6.04 2.21 -28.79
N GLN A 91 6.83 1.13 -28.72
CA GLN A 91 6.27 -0.21 -28.92
C GLN A 91 5.26 -0.58 -27.84
N LEU A 92 5.59 -0.26 -26.59
CA LEU A 92 4.70 -0.51 -25.47
C LEU A 92 3.44 0.29 -25.62
N ALA A 93 3.56 1.54 -26.06
CA ALA A 93 2.42 2.39 -26.31
C ALA A 93 1.50 1.77 -27.38
N SER A 94 2.10 1.17 -28.40
CA SER A 94 1.27 0.54 -29.41
C SER A 94 0.54 -0.67 -28.84
N ILE A 95 1.25 -1.45 -28.00
CA ILE A 95 0.69 -2.60 -27.34
C ILE A 95 -0.49 -2.12 -26.50
N VAL A 96 -0.29 -1.05 -25.73
CA VAL A 96 -1.43 -0.47 -24.99
C VAL A 96 -2.64 -0.21 -25.92
N LYS A 97 -2.43 0.55 -27.00
CA LYS A 97 -3.47 0.83 -27.96
C LYS A 97 -4.10 -0.40 -28.62
N ALA A 98 -3.33 -1.47 -28.77
CA ALA A 98 -3.82 -2.72 -29.32
C ALA A 98 -4.90 -3.38 -28.45
N SER A 99 -4.99 -3.02 -27.19
CA SER A 99 -6.00 -3.64 -26.33
C SER A 99 -7.32 -2.92 -26.47
N GLY A 100 -7.30 -1.72 -27.05
CA GLY A 100 -8.50 -0.99 -27.35
C GLY A 100 -8.78 0.08 -26.32
N THR A 101 -7.90 0.20 -25.33
CA THR A 101 -7.94 1.38 -24.41
C THR A 101 -7.09 2.50 -25.04
N SER A 102 -7.08 3.66 -24.42
CA SER A 102 -6.24 4.77 -24.87
C SER A 102 -5.05 4.87 -23.92
N LEU A 103 -4.01 5.57 -24.36
CA LEU A 103 -2.79 5.70 -23.59
C LEU A 103 -3.13 6.48 -22.30
N ARG A 104 -4.12 7.37 -22.42
CA ARG A 104 -4.50 8.23 -21.31
C ARG A 104 -5.12 7.44 -20.19
N LYS A 105 -6.02 6.51 -20.55
CA LYS A 105 -6.71 5.70 -19.55
C LYS A 105 -5.74 4.78 -18.89
N PHE A 106 -4.81 4.21 -19.66
CA PHE A 106 -3.79 3.33 -19.12
C PHE A 106 -2.91 4.07 -18.09
N CYS A 107 -2.45 5.28 -18.43
CA CYS A 107 -1.62 6.04 -17.48
C CYS A 107 -2.42 6.37 -16.23
N ARG A 108 -3.72 6.65 -16.40
CA ARG A 108 -4.57 7.07 -15.31
C ARG A 108 -4.64 5.94 -14.30
N TYR A 109 -4.60 4.70 -14.80
CA TYR A 109 -4.71 3.50 -13.97
C TYR A 109 -3.53 3.34 -13.01
N PHE A 110 -2.40 4.01 -13.36
CA PHE A 110 -1.16 3.95 -12.60
C PHE A 110 -0.84 5.30 -11.99
N ALA A 111 -1.73 6.27 -12.12
CA ALA A 111 -1.50 7.60 -11.55
C ALA A 111 -0.96 7.54 -10.10
N PRO A 112 -1.61 6.73 -9.19
CA PRO A 112 -1.13 6.80 -7.78
C PRO A 112 0.31 6.32 -7.58
N ILE A 113 0.78 5.40 -8.41
CA ILE A 113 2.13 4.90 -8.29
C ILE A 113 3.14 5.99 -8.73
N ILE A 114 2.85 6.66 -9.85
CA ILE A 114 3.81 7.61 -10.37
C ILE A 114 3.76 8.83 -9.46
N TRP A 115 2.58 9.14 -8.93
CA TRP A 115 2.49 10.14 -7.87
C TRP A 115 3.50 9.85 -6.76
N ASN A 116 3.53 8.63 -6.23
CA ASN A 116 4.48 8.34 -5.15
C ASN A 116 5.90 8.43 -5.62
N LEU A 117 6.10 8.13 -6.89
CA LEU A 117 7.46 8.11 -7.42
C LEU A 117 8.07 9.49 -7.70
N ARG A 118 7.24 10.45 -8.11
CA ARG A 118 7.75 11.72 -8.57
C ARG A 118 7.38 12.90 -7.67
N THR A 119 6.23 12.85 -6.99
CA THR A 119 5.77 13.96 -6.16
C THR A 119 6.76 14.36 -5.03
N ASP A 120 6.98 15.68 -4.90
CA ASP A 120 8.03 16.30 -4.04
C ASP A 120 9.47 15.79 -4.30
N LYS A 121 9.68 15.11 -5.44
CA LYS A 121 11.02 14.67 -5.89
C LYS A 121 11.46 15.20 -7.25
N MET A 122 10.72 14.91 -8.33
CA MET A 122 10.98 15.51 -9.66
C MET A 122 9.68 15.86 -10.39
N ALA A 123 9.34 17.16 -10.39
CA ALA A 123 8.11 17.64 -11.00
C ALA A 123 7.97 17.35 -12.52
N PRO A 124 6.75 17.37 -13.07
CA PRO A 124 6.69 17.30 -14.51
C PRO A 124 7.71 18.22 -15.22
N ALA A 125 8.51 17.65 -16.12
CA ALA A 125 9.53 18.45 -16.82
C ALA A 125 9.02 19.84 -17.33
N ASN A 126 7.85 19.86 -17.93
CA ASN A 126 7.33 21.03 -18.62
C ASN A 126 6.29 21.81 -17.83
N TRP A 127 6.28 21.65 -16.49
CA TRP A 127 5.25 22.30 -15.65
C TRP A 127 5.12 23.80 -15.86
N GLU A 128 6.26 24.45 -16.07
CA GLU A 128 6.27 25.89 -16.26
C GLU A 128 5.77 26.33 -17.63
N ALA A 129 6.17 25.63 -18.66
CA ALA A 129 5.62 25.88 -19.98
C ALA A 129 4.08 25.69 -19.99
N SER A 130 3.55 24.70 -19.26
CA SER A 130 2.08 24.62 -19.10
C SER A 130 1.68 25.74 -18.12
N GLY A 131 0.44 25.82 -17.70
CA GLY A 131 0.18 27.07 -16.99
C GLY A 131 0.60 27.26 -15.53
N TYR A 132 1.49 26.42 -14.98
CA TYR A 132 1.38 26.15 -13.53
C TYR A 132 2.22 26.98 -12.63
N LYS A 133 1.64 27.33 -11.47
CA LYS A 133 2.38 28.02 -10.43
C LYS A 133 3.30 27.02 -9.82
N PRO A 134 4.42 27.45 -9.27
CA PRO A 134 5.38 26.51 -8.70
C PRO A 134 4.76 25.69 -7.59
N SER A 135 3.80 26.24 -6.87
CA SER A 135 3.11 25.50 -5.83
C SER A 135 2.08 24.46 -6.33
N ALA A 136 1.68 24.50 -7.60
CA ALA A 136 0.75 23.50 -8.14
C ALA A 136 1.47 22.54 -9.09
N LYS A 137 2.78 22.63 -9.10
CA LYS A 137 3.68 21.95 -10.01
C LYS A 137 3.44 20.47 -10.22
N PHE A 138 3.18 19.77 -9.12
CA PHE A 138 3.09 18.33 -9.06
C PHE A 138 1.76 17.84 -9.55
N ALA A 139 0.93 18.79 -9.96
CA ALA A 139 -0.38 18.54 -10.55
C ALA A 139 -0.33 18.59 -12.08
N ALA A 140 0.83 18.96 -12.64
CA ALA A 140 0.89 19.33 -14.09
C ALA A 140 1.10 18.11 -15.01
N PHE A 141 0.34 17.05 -14.76
CA PHE A 141 0.28 15.96 -15.71
C PHE A 141 -1.14 15.66 -16.05
N ASP A 142 -1.36 15.16 -17.27
CA ASP A 142 -2.69 15.04 -17.78
C ASP A 142 -3.50 13.85 -17.31
N PHE A 143 -3.00 13.07 -16.37
CA PHE A 143 -3.83 12.01 -15.75
C PHE A 143 -3.73 12.09 -14.25
N PHE A 144 -3.56 13.31 -13.77
CA PHE A 144 -3.54 13.58 -12.37
C PHE A 144 -4.83 13.09 -11.74
N ASP A 145 -5.94 13.13 -12.50
CA ASP A 145 -7.27 12.76 -11.97
C ASP A 145 -7.35 11.32 -11.58
N GLY A 146 -6.29 10.58 -11.86
CA GLY A 146 -6.20 9.17 -11.52
C GLY A 146 -5.66 8.97 -10.12
N VAL A 147 -4.99 9.99 -9.58
CA VAL A 147 -4.25 9.83 -8.30
C VAL A 147 -5.14 9.41 -7.12
N GLU A 148 -6.32 10.03 -7.04
CA GLU A 148 -7.23 9.73 -5.96
C GLU A 148 -8.34 8.80 -6.40
N ASN A 149 -8.17 8.12 -7.54
CA ASN A 149 -9.12 7.12 -7.94
C ASN A 149 -8.86 5.77 -7.22
N PRO A 150 -9.80 5.32 -6.38
CA PRO A 150 -9.59 4.05 -5.65
C PRO A 150 -9.51 2.77 -6.53
N ALA A 151 -10.00 2.85 -7.76
CA ALA A 151 -9.95 1.74 -8.72
C ALA A 151 -8.59 1.72 -9.51
N ALA A 152 -7.92 2.87 -9.57
CA ALA A 152 -6.59 2.94 -10.12
C ALA A 152 -5.67 2.08 -9.25
N MET A 153 -4.54 1.61 -9.80
CA MET A 153 -3.61 0.78 -9.03
C MET A 153 -3.00 1.62 -7.91
N GLN A 154 -3.05 1.08 -6.69
CA GLN A 154 -2.58 1.80 -5.48
C GLN A 154 -1.13 1.50 -5.04
N PRO A 155 -0.43 2.52 -4.50
CA PRO A 155 0.86 2.17 -3.93
C PRO A 155 0.69 1.21 -2.74
N PRO A 156 1.71 0.39 -2.51
CA PRO A 156 1.69 -0.59 -1.44
C PRO A 156 1.38 -0.03 -0.02
N SER A 157 1.72 1.23 0.33
CA SER A 157 1.35 1.75 1.68
C SER A 157 0.51 3.02 1.61
N GLY A 158 -0.20 3.16 0.50
CA GLY A 158 -1.01 4.34 0.27
C GLY A 158 -0.14 5.49 -0.22
N LEU A 159 -0.81 6.56 -0.62
CA LEU A 159 -0.15 7.77 -1.08
C LEU A 159 0.85 8.33 -0.09
N THR A 160 1.91 8.96 -0.59
CA THR A 160 2.94 9.58 0.29
C THR A 160 2.41 10.85 0.92
N ARG A 161 1.45 11.47 0.23
CA ARG A 161 0.56 12.50 0.78
C ARG A 161 -0.65 12.58 -0.17
N SER A 162 -1.73 13.23 0.27
CA SER A 162 -2.79 13.64 -0.63
C SER A 162 -2.36 14.83 -1.45
N PRO A 163 -3.03 15.03 -2.60
CA PRO A 163 -2.82 16.33 -3.26
C PRO A 163 -3.33 17.47 -2.38
N THR A 164 -2.79 18.68 -2.52
CA THR A 164 -3.37 19.87 -1.88
C THR A 164 -4.53 20.35 -2.72
N GLN A 165 -5.49 21.03 -2.09
CA GLN A 165 -6.62 21.64 -2.80
C GLN A 165 -6.11 22.56 -3.94
N GLU A 166 -5.02 23.27 -3.72
CA GLU A 166 -4.40 24.07 -4.78
C GLU A 166 -4.00 23.21 -6.00
N GLU A 167 -3.34 22.09 -5.74
CA GLU A 167 -3.05 21.11 -6.79
C GLU A 167 -4.32 20.62 -7.49
N ARG A 168 -5.35 20.22 -6.74
CA ARG A 168 -6.60 19.71 -7.35
C ARG A 168 -7.19 20.78 -8.26
N ILE A 169 -7.27 22.01 -7.74
CA ILE A 169 -7.84 23.13 -8.48
C ILE A 169 -7.01 23.44 -9.70
N ALA A 170 -5.69 23.43 -9.55
CA ALA A 170 -4.83 23.87 -10.64
C ALA A 170 -4.99 22.96 -11.84
N ASN A 171 -5.32 21.69 -11.61
CA ASN A 171 -5.35 20.71 -12.69
C ASN A 171 -6.72 20.68 -13.34
N ALA A 172 -7.75 20.87 -12.52
CA ALA A 172 -9.13 21.05 -12.98
C ALA A 172 -9.26 22.27 -13.89
N THR A 173 -8.66 23.39 -13.48
CA THR A 173 -8.70 24.65 -14.26
C THR A 173 -7.73 24.63 -15.44
N ASN A 174 -7.33 23.43 -15.84
CA ASN A 174 -6.59 23.24 -17.06
C ASN A 174 -7.38 22.34 -18.01
N ILE B 11 5.84 -46.09 -3.35
CA ILE B 11 6.25 -44.64 -3.45
C ILE B 11 5.97 -43.95 -2.12
N ALA B 12 6.88 -43.08 -1.67
CA ALA B 12 6.70 -42.42 -0.37
C ALA B 12 5.72 -41.27 -0.55
N PHE B 13 6.08 -40.31 -1.39
CA PHE B 13 5.19 -39.24 -1.75
C PHE B 13 4.88 -39.38 -3.22
N PRO B 14 3.58 -39.33 -3.58
CA PRO B 14 3.08 -39.30 -4.95
C PRO B 14 3.65 -38.09 -5.68
N ALA B 15 4.16 -38.30 -6.89
CA ALA B 15 4.71 -37.18 -7.64
C ALA B 15 3.67 -36.10 -7.81
N ILE B 16 4.12 -34.87 -7.75
CA ILE B 16 3.25 -33.77 -8.03
C ILE B 16 2.96 -33.75 -9.51
N THR B 17 1.66 -33.65 -9.83
CA THR B 17 1.17 -33.62 -11.20
C THR B 17 1.33 -32.23 -11.79
N GLN B 18 1.44 -32.14 -13.13
CA GLN B 18 1.50 -30.85 -13.84
C GLN B 18 0.30 -29.97 -13.49
N GLU B 19 -0.86 -30.62 -13.44
CA GLU B 19 -2.13 -30.08 -12.95
C GLU B 19 -1.93 -29.30 -11.64
N GLN B 20 -1.42 -30.00 -10.60
CA GLN B 20 -1.15 -29.42 -9.26
C GLN B 20 -0.14 -28.31 -9.29
N MET B 21 0.91 -28.47 -10.09
CA MET B 21 1.84 -27.35 -10.31
C MET B 21 1.17 -26.04 -10.77
N SER B 22 0.04 -26.12 -11.47
CA SER B 22 -0.74 -24.93 -11.87
C SER B 22 -1.74 -24.50 -10.77
N SER B 23 -2.34 -25.47 -10.08
CA SER B 23 -3.42 -25.19 -9.13
C SER B 23 -2.97 -24.76 -7.74
N ILE B 24 -1.88 -25.37 -7.23
CA ILE B 24 -1.36 -25.10 -5.89
C ILE B 24 -1.19 -23.60 -5.56
N LYS B 25 -1.68 -23.22 -4.39
CA LYS B 25 -1.54 -21.83 -3.99
C LYS B 25 -0.74 -21.72 -2.70
N VAL B 26 0.25 -20.81 -2.72
CA VAL B 26 1.15 -20.59 -1.60
C VAL B 26 1.33 -19.08 -1.43
N ASP B 27 1.40 -18.61 -0.21
CA ASP B 27 1.62 -17.20 -0.04
C ASP B 27 2.71 -17.07 1.00
N PRO B 28 3.36 -15.88 1.06
CA PRO B 28 4.36 -15.64 2.09
C PRO B 28 3.81 -15.95 3.44
N THR B 29 4.65 -16.49 4.30
CA THR B 29 4.24 -16.92 5.63
C THR B 29 5.15 -16.13 6.59
N SER B 30 4.83 -16.18 7.90
CA SER B 30 5.70 -15.58 8.89
C SER B 30 5.41 -16.18 10.23
N ASN B 31 6.45 -16.48 10.99
CA ASN B 31 6.33 -16.82 12.40
C ASN B 31 6.61 -15.60 13.33
N LEU B 32 6.56 -14.40 12.76
CA LEU B 32 6.83 -13.23 13.60
C LEU B 32 5.61 -12.28 13.61
N LEU B 33 4.71 -12.48 12.66
CA LEU B 33 3.65 -11.54 12.43
C LEU B 33 2.32 -12.29 12.45
N PRO B 34 1.20 -11.60 12.74
CA PRO B 34 -0.07 -12.33 12.71
C PRO B 34 -0.35 -12.70 11.30
N SER B 35 -1.09 -13.76 11.07
CA SER B 35 -1.50 -14.09 9.73
C SER B 35 -2.55 -13.08 9.29
N GLN B 36 -2.81 -13.03 7.98
CA GLN B 36 -3.86 -12.17 7.41
C GLN B 36 -5.21 -12.52 8.03
N GLU B 37 -5.43 -13.82 8.23
CA GLU B 37 -6.65 -14.29 8.82
C GLU B 37 -6.83 -13.73 10.24
N GLN B 38 -5.73 -13.72 11.00
CA GLN B 38 -5.75 -13.32 12.40
C GLN B 38 -5.92 -11.81 12.54
N LEU B 39 -5.33 -11.05 11.63
CA LEU B 39 -5.52 -9.60 11.65
C LEU B 39 -7.00 -9.25 11.40
N LYS B 40 -7.62 -9.94 10.44
CA LYS B 40 -9.00 -9.72 10.09
C LYS B 40 -9.87 -9.98 11.32
N SER B 41 -9.52 -10.99 12.09
CA SER B 41 -10.28 -11.32 13.27
C SER B 41 -10.20 -10.20 14.27
N VAL B 42 -9.01 -9.61 14.43
CA VAL B 42 -8.89 -8.49 15.34
C VAL B 42 -9.79 -7.36 14.94
N SER B 43 -9.70 -6.91 13.70
CA SER B 43 -10.55 -5.77 13.34
C SER B 43 -12.05 -6.10 13.35
N THR B 44 -12.41 -7.28 12.85
CA THR B 44 -13.81 -7.68 12.84
C THR B 44 -14.39 -7.60 14.24
N LEU B 45 -13.65 -8.10 15.22
CA LEU B 45 -14.11 -8.05 16.62
C LEU B 45 -14.10 -6.62 17.20
N MET B 46 -13.12 -5.82 16.78
CA MET B 46 -13.08 -4.40 17.21
C MET B 46 -14.31 -3.64 16.73
N VAL B 47 -14.71 -3.83 15.46
CA VAL B 47 -15.92 -3.22 14.91
C VAL B 47 -17.18 -3.72 15.64
N ALA B 48 -17.24 -5.02 15.96
CA ALA B 48 -18.33 -5.53 16.80
C ALA B 48 -18.30 -4.94 18.20
N ALA B 49 -17.14 -4.57 18.74
CA ALA B 49 -17.06 -3.95 20.06
C ALA B 49 -17.35 -2.45 20.00
N LYS B 50 -17.77 -2.00 18.81
CA LYS B 50 -18.21 -0.61 18.52
C LYS B 50 -17.04 0.33 18.20
N VAL B 51 -15.86 -0.16 17.88
CA VAL B 51 -14.89 0.73 17.27
C VAL B 51 -15.36 1.08 15.83
N PRO B 52 -15.47 2.38 15.49
CA PRO B 52 -15.85 2.76 14.11
C PRO B 52 -14.92 2.13 13.08
N ALA B 53 -15.44 1.57 11.99
CA ALA B 53 -14.61 0.94 10.97
C ALA B 53 -13.42 1.83 10.46
N ALA B 54 -13.62 3.13 10.31
CA ALA B 54 -12.54 4.01 9.84
C ALA B 54 -11.45 4.18 10.92
N SER B 55 -11.82 4.14 12.20
CA SER B 55 -10.90 4.32 13.29
C SER B 55 -10.14 3.04 13.78
N VAL B 56 -10.44 1.89 13.17
CA VAL B 56 -9.91 0.62 13.64
C VAL B 56 -8.34 0.62 13.75
N THR B 57 -7.64 1.33 12.85
CA THR B 57 -6.16 1.31 12.87
C THR B 57 -5.59 2.31 13.87
N THR B 58 -6.16 3.52 13.90
CA THR B 58 -5.69 4.52 14.82
C THR B 58 -5.95 4.06 16.30
N VAL B 59 -7.06 3.35 16.51
CA VAL B 59 -7.38 2.83 17.84
C VAL B 59 -6.38 1.70 18.21
N ALA B 60 -6.05 0.82 17.27
CA ALA B 60 -5.14 -0.28 17.62
C ALA B 60 -3.81 0.32 18.03
N LEU B 61 -3.51 1.48 17.46
CA LEU B 61 -2.21 2.08 17.69
C LEU B 61 -2.07 2.70 19.09
N GLU B 62 -3.20 2.98 19.76
CA GLU B 62 -3.16 3.38 21.17
C GLU B 62 -2.66 2.20 21.99
N LEU B 63 -3.00 0.98 21.59
CA LEU B 63 -2.53 -0.14 22.38
C LEU B 63 -1.05 -0.36 22.07
N VAL B 64 -0.70 -0.23 20.79
CA VAL B 64 0.69 -0.41 20.42
C VAL B 64 1.53 0.61 21.21
N ASN B 65 1.04 1.86 21.30
CA ASN B 65 1.74 2.92 22.07
C ASN B 65 1.95 2.51 23.53
N PHE B 66 0.92 1.99 24.19
CA PHE B 66 1.03 1.48 25.55
C PHE B 66 2.13 0.42 25.63
N CYS B 67 2.16 -0.53 24.69
CA CYS B 67 3.17 -1.61 24.75
C CYS B 67 4.56 -1.11 24.39
N TYR B 68 4.65 -0.09 23.54
CA TYR B 68 5.93 0.63 23.34
C TYR B 68 6.62 0.97 24.66
N ASP B 69 5.87 1.48 25.65
CA ASP B 69 6.43 1.76 26.98
C ASP B 69 6.47 0.57 27.92
N ASN B 70 5.41 -0.23 27.93
CA ASN B 70 5.17 -1.16 29.05
C ASN B 70 5.49 -2.63 28.76
N GLY B 71 5.71 -2.93 27.47
CA GLY B 71 5.94 -4.28 27.00
C GLY B 71 4.74 -4.88 26.30
N SER B 72 4.95 -5.96 25.56
CA SER B 72 3.87 -6.64 24.84
C SER B 72 3.92 -8.11 25.15
N SER B 73 4.57 -8.44 26.25
CA SER B 73 4.65 -9.82 26.67
C SER B 73 3.22 -10.35 27.03
N ALA B 74 3.02 -11.68 26.96
CA ALA B 74 1.72 -12.34 27.30
C ALA B 74 1.28 -12.13 28.75
N TYR B 75 2.22 -11.79 29.64
CA TYR B 75 1.76 -11.48 30.99
C TYR B 75 1.84 -9.99 31.34
N THR B 76 2.16 -9.12 30.37
CA THR B 76 2.06 -7.65 30.55
C THR B 76 0.67 -7.25 31.07
N THR B 77 0.62 -6.37 32.06
CA THR B 77 -0.69 -5.89 32.53
C THR B 77 -1.03 -4.65 31.75
N VAL B 78 -2.08 -4.73 30.96
CA VAL B 78 -2.48 -3.53 30.25
C VAL B 78 -3.56 -2.75 30.99
N THR B 79 -3.38 -1.45 31.05
CA THR B 79 -4.22 -0.62 31.87
C THR B 79 -4.52 0.67 31.11
N GLY B 80 -5.49 1.43 31.59
CA GLY B 80 -5.81 2.73 30.99
C GLY B 80 -7.02 2.65 30.08
N PRO B 81 -7.63 3.81 29.78
CA PRO B 81 -8.77 3.81 28.86
C PRO B 81 -8.28 3.92 27.42
N SER B 82 -9.16 3.74 26.43
CA SER B 82 -8.79 4.10 25.06
C SER B 82 -9.56 5.33 24.69
N SER B 83 -9.44 5.77 23.45
CA SER B 83 -10.18 6.94 23.01
C SER B 83 -11.69 6.65 22.85
N ILE B 84 -12.07 5.37 22.92
CA ILE B 84 -13.48 4.96 22.84
C ILE B 84 -14.03 4.66 24.26
N PRO B 85 -15.13 5.34 24.64
CA PRO B 85 -15.93 5.03 25.83
C PRO B 85 -16.27 3.53 26.00
N GLU B 86 -16.11 3.08 27.25
CA GLU B 86 -16.24 1.64 27.62
C GLU B 86 -15.49 0.61 26.70
N ILE B 87 -14.39 1.07 26.10
CA ILE B 87 -13.34 0.18 25.59
C ILE B 87 -12.00 0.58 26.18
N SER B 88 -11.51 -0.22 27.12
CA SER B 88 -10.21 0.04 27.71
C SER B 88 -9.16 -0.62 26.81
N LEU B 89 -7.91 -0.30 27.05
CA LEU B 89 -6.83 -0.94 26.35
C LEU B 89 -6.76 -2.43 26.74
N ALA B 90 -7.13 -2.76 27.98
CA ALA B 90 -7.17 -4.16 28.37
C ALA B 90 -8.19 -4.94 27.51
N GLN B 91 -9.35 -4.36 27.27
CA GLN B 91 -10.31 -4.99 26.38
C GLN B 91 -9.74 -5.17 24.96
N LEU B 92 -9.09 -4.16 24.43
CA LEU B 92 -8.49 -4.30 23.12
C LEU B 92 -7.50 -5.45 23.06
N ALA B 93 -6.61 -5.53 24.05
CA ALA B 93 -5.61 -6.57 24.17
C ALA B 93 -6.29 -7.92 24.14
N SER B 94 -7.40 -8.05 24.87
CA SER B 94 -8.14 -9.30 24.87
C SER B 94 -8.63 -9.67 23.49
N ILE B 95 -9.08 -8.66 22.73
CA ILE B 95 -9.62 -8.85 21.38
C ILE B 95 -8.51 -9.31 20.47
N VAL B 96 -7.35 -8.68 20.62
CA VAL B 96 -6.11 -9.24 19.99
C VAL B 96 -5.83 -10.72 20.36
N LYS B 97 -5.82 -11.05 21.66
CA LYS B 97 -5.63 -12.46 22.05
C LYS B 97 -6.73 -13.37 21.54
N ALA B 98 -7.92 -12.83 21.32
CA ALA B 98 -9.05 -13.63 20.83
C ALA B 98 -8.91 -14.10 19.38
N SER B 99 -8.16 -13.39 18.55
CA SER B 99 -7.88 -13.85 17.18
C SER B 99 -6.98 -15.08 17.06
N GLY B 100 -6.30 -15.46 18.14
CA GLY B 100 -5.29 -16.53 18.11
C GLY B 100 -3.86 -16.04 18.01
N THR B 101 -3.63 -14.76 17.64
CA THR B 101 -2.26 -14.21 17.65
C THR B 101 -1.88 -13.73 19.05
N SER B 102 -0.65 -13.26 19.20
CA SER B 102 -0.22 -12.71 20.48
C SER B 102 -0.11 -11.19 20.39
N LEU B 103 -0.11 -10.54 21.55
CA LEU B 103 0.02 -9.11 21.61
C LEU B 103 1.39 -8.68 21.02
N ARG B 104 2.45 -9.45 21.33
CA ARG B 104 3.76 -9.19 20.82
C ARG B 104 3.77 -9.20 19.29
N LYS B 105 3.09 -10.20 18.66
CA LYS B 105 3.07 -10.27 17.18
C LYS B 105 2.25 -9.15 16.58
N PHE B 106 1.18 -8.76 17.27
CA PHE B 106 0.31 -7.67 16.84
C PHE B 106 1.03 -6.31 16.92
N CYS B 107 1.70 -6.04 18.05
CA CYS B 107 2.62 -4.91 18.14
C CYS B 107 3.65 -4.88 17.01
N ARG B 108 4.33 -6.01 16.79
CA ARG B 108 5.40 -6.07 15.83
C ARG B 108 4.91 -5.55 14.51
N TYR B 109 3.65 -5.83 14.20
CA TYR B 109 3.08 -5.51 12.89
C TYR B 109 2.86 -4.00 12.68
N PHE B 110 2.82 -3.22 13.78
CA PHE B 110 2.70 -1.77 13.71
C PHE B 110 4.00 -1.09 14.12
N ALA B 111 5.07 -1.88 14.27
CA ALA B 111 6.34 -1.35 14.70
C ALA B 111 6.75 -0.15 13.82
N PRO B 112 6.63 -0.27 12.46
CA PRO B 112 7.14 0.89 11.71
C PRO B 112 6.35 2.14 12.03
N ILE B 113 5.05 2.01 12.29
CA ILE B 113 4.25 3.21 12.56
C ILE B 113 4.60 3.90 13.90
N ILE B 114 4.71 3.12 14.98
CA ILE B 114 5.03 3.68 16.32
C ILE B 114 6.50 4.23 16.38
N TRP B 115 7.41 3.54 15.69
CA TRP B 115 8.73 4.07 15.42
C TRP B 115 8.61 5.49 14.94
N ASN B 116 7.77 5.73 13.94
CA ASN B 116 7.74 7.05 13.29
C ASN B 116 7.21 8.09 14.24
N LEU B 117 6.23 7.69 15.07
CA LEU B 117 5.69 8.64 16.05
C LEU B 117 6.54 8.88 17.35
N ARG B 118 7.46 7.98 17.73
CA ARG B 118 8.14 8.20 19.00
C ARG B 118 9.63 8.41 18.84
N THR B 119 10.22 7.87 17.78
CA THR B 119 11.66 8.00 17.64
C THR B 119 12.08 9.45 17.56
N ASP B 120 13.10 9.80 18.34
CA ASP B 120 13.64 11.15 18.45
C ASP B 120 12.62 12.14 18.92
N LYS B 121 11.66 11.66 19.70
CA LYS B 121 10.58 12.47 20.22
C LYS B 121 10.20 12.07 21.64
N MET B 122 9.80 10.83 21.85
CA MET B 122 9.40 10.38 23.17
C MET B 122 9.97 9.01 23.40
N ALA B 123 11.05 8.90 24.13
CA ALA B 123 11.69 7.58 24.36
C ALA B 123 10.76 6.59 25.08
N PRO B 124 10.97 5.26 24.92
CA PRO B 124 10.19 4.36 25.80
C PRO B 124 10.36 4.81 27.24
N ALA B 125 9.26 4.81 27.99
CA ALA B 125 9.24 5.36 29.32
C ALA B 125 10.32 4.76 30.25
N ASN B 126 10.62 3.46 30.09
CA ASN B 126 11.48 2.74 31.04
C ASN B 126 12.84 2.36 30.47
N TRP B 127 13.37 3.17 29.55
CA TRP B 127 14.60 2.79 28.85
C TRP B 127 15.81 2.60 29.79
N GLU B 128 15.99 3.55 30.72
CA GLU B 128 17.07 3.52 31.73
C GLU B 128 16.96 2.32 32.63
N ALA B 129 15.76 2.06 33.15
CA ALA B 129 15.53 0.86 33.98
C ALA B 129 15.79 -0.44 33.19
N SER B 130 15.43 -0.50 31.90
CA SER B 130 15.89 -1.57 31.00
C SER B 130 17.41 -1.40 30.80
N GLY B 131 18.07 -2.21 29.98
CA GLY B 131 19.55 -2.09 30.04
C GLY B 131 20.30 -0.99 29.27
N TYR B 132 19.56 -0.07 28.63
CA TYR B 132 20.04 0.62 27.42
C TYR B 132 20.80 1.87 27.69
N LYS B 133 21.67 2.24 26.75
CA LYS B 133 22.44 3.50 26.80
C LYS B 133 21.66 4.60 26.10
N PRO B 134 21.82 5.87 26.55
CA PRO B 134 21.05 6.97 25.99
C PRO B 134 21.08 7.02 24.48
N SER B 135 22.14 6.53 23.87
CA SER B 135 22.25 6.50 22.42
C SER B 135 21.53 5.30 21.78
N ALA B 136 21.04 4.37 22.60
CA ALA B 136 20.29 3.21 22.13
C ALA B 136 18.84 3.25 22.64
N LYS B 137 18.46 4.39 23.18
CA LYS B 137 17.16 4.62 23.79
C LYS B 137 15.95 4.24 22.92
N PHE B 138 15.97 4.64 21.67
CA PHE B 138 14.88 4.47 20.81
C PHE B 138 14.75 3.06 20.28
N ALA B 139 15.59 2.16 20.76
CA ALA B 139 15.47 0.71 20.51
C ALA B 139 14.85 -0.07 21.68
N ALA B 140 14.50 0.63 22.75
CA ALA B 140 14.17 -0.07 24.02
C ALA B 140 12.72 -0.52 24.17
N PHE B 141 12.19 -1.17 23.14
CA PHE B 141 10.85 -1.75 23.18
C PHE B 141 10.86 -3.14 22.56
N ASP B 142 9.99 -4.02 23.04
CA ASP B 142 10.19 -5.45 22.78
C ASP B 142 9.73 -5.97 21.41
N PHE B 143 9.38 -5.07 20.51
CA PHE B 143 8.94 -5.43 19.18
C PHE B 143 9.60 -4.53 18.17
N PHE B 144 10.76 -4.03 18.55
CA PHE B 144 11.64 -3.23 17.69
C PHE B 144 12.03 -4.04 16.48
N ASP B 145 12.19 -5.36 16.61
CA ASP B 145 12.57 -6.19 15.45
C ASP B 145 11.64 -6.08 14.24
N GLY B 146 10.47 -5.45 14.41
CA GLY B 146 9.50 -5.27 13.33
C GLY B 146 9.62 -3.93 12.60
N VAL B 147 10.49 -3.02 13.06
CA VAL B 147 10.58 -1.71 12.43
C VAL B 147 11.08 -1.82 10.97
N GLU B 148 12.06 -2.68 10.77
CA GLU B 148 12.58 -2.96 9.43
C GLU B 148 11.93 -4.19 8.74
N ASN B 149 10.79 -4.66 9.24
CA ASN B 149 10.13 -5.78 8.62
C ASN B 149 9.19 -5.31 7.51
N PRO B 150 9.57 -5.54 6.26
CA PRO B 150 8.80 -5.03 5.11
C PRO B 150 7.36 -5.47 5.16
N ALA B 151 7.10 -6.59 5.80
CA ALA B 151 5.71 -7.05 5.88
C ALA B 151 4.86 -6.45 7.01
N ALA B 152 5.49 -5.70 7.92
CA ALA B 152 4.77 -4.91 8.90
C ALA B 152 4.15 -3.76 8.13
N MET B 153 3.12 -3.14 8.71
CA MET B 153 2.48 -1.97 8.12
C MET B 153 3.48 -0.81 8.11
N GLN B 154 3.68 -0.19 6.95
CA GLN B 154 4.69 0.88 6.81
C GLN B 154 4.07 2.26 6.79
N PRO B 155 4.82 3.27 7.30
CA PRO B 155 4.33 4.64 7.11
C PRO B 155 4.38 4.96 5.62
N PRO B 156 3.31 5.56 5.11
CA PRO B 156 3.14 5.98 3.73
C PRO B 156 4.36 6.67 3.08
N SER B 157 5.15 7.43 3.84
CA SER B 157 6.31 8.02 3.20
C SER B 157 7.60 7.58 3.84
N GLY B 158 7.62 6.33 4.29
CA GLY B 158 8.82 5.70 4.80
C GLY B 158 9.11 6.01 6.25
N LEU B 159 10.13 5.34 6.78
CA LEU B 159 10.64 5.62 8.08
C LEU B 159 11.20 7.02 8.10
N THR B 160 10.98 7.76 9.18
CA THR B 160 11.55 9.08 9.38
C THR B 160 13.06 8.95 9.21
N ARG B 161 13.64 7.93 9.84
CA ARG B 161 15.03 7.52 9.68
C ARG B 161 15.19 6.03 10.03
N SER B 162 16.17 5.36 9.44
CA SER B 162 16.46 3.97 9.77
C SER B 162 17.04 3.93 11.16
N PRO B 163 16.86 2.79 11.84
CA PRO B 163 17.59 2.58 13.08
C PRO B 163 19.08 2.65 12.81
N THR B 164 19.84 3.17 13.77
CA THR B 164 21.28 3.14 13.66
C THR B 164 21.78 1.74 14.02
N GLN B 165 22.98 1.44 13.56
CA GLN B 165 23.68 0.18 13.87
C GLN B 165 23.71 -0.10 15.37
N GLU B 166 24.02 0.92 16.18
CA GLU B 166 24.04 0.75 17.63
C GLU B 166 22.70 0.40 18.26
N GLU B 167 21.64 1.11 17.84
CA GLU B 167 20.25 0.69 18.14
C GLU B 167 19.98 -0.80 17.82
N ARG B 168 20.23 -1.22 16.59
CA ARG B 168 20.03 -2.64 16.22
C ARG B 168 20.78 -3.63 17.17
N ILE B 169 22.07 -3.36 17.39
CA ILE B 169 22.91 -4.15 18.29
C ILE B 169 22.32 -4.21 19.69
N ALA B 170 22.15 -3.04 20.32
CA ALA B 170 21.62 -2.92 21.69
C ALA B 170 20.33 -3.71 21.87
N ASN B 171 19.41 -3.64 20.91
CA ASN B 171 18.18 -4.39 21.02
C ASN B 171 18.40 -5.89 20.93
N ALA B 172 19.27 -6.30 20.02
CA ALA B 172 19.64 -7.71 19.84
C ALA B 172 20.33 -8.34 21.07
N THR B 173 21.28 -7.60 21.67
CA THR B 173 22.01 -8.06 22.85
C THR B 173 21.12 -8.14 24.11
N ASN B 174 19.95 -7.51 24.09
CA ASN B 174 19.00 -7.64 25.20
C ASN B 174 17.88 -8.62 24.78
#